data_8B0Q
#
_entry.id   8B0Q
#
_cell.length_a   50.432
_cell.length_b   40.807
_cell.length_c   59.636
_cell.angle_alpha   90.000
_cell.angle_beta   90.000
_cell.angle_gamma   90.000
#
_symmetry.space_group_name_H-M   'P 1 21 1'
#
loop_
_entity.id
_entity.type
_entity.pdbx_description
1 polymer 'UvrABC system protein C'
2 water water
#
_entity_poly.entity_id   1
_entity_poly.type   'polypeptide(L)'
_entity_poly.pdbx_seq_one_letter_code
;GDHPGLDALKDVLALPERPWRIEGYDNSNLFGTNIVSGMVVFEGGRSRRGEHRRFKVRGLEHPDDYESMKQTIYRRFTGS
LADKLPLPDLMLIDGGRGQVNAALDALKEAGVQVPVVGLAKREERLILPGRYGAQWWLETGTEVGVDRELLLPHTHPALR
MLIGVRDEVHNYAVSYHRKLRGEGMLRSVFDDLPGIGQKRRDALLEHFTSLEDLAAAPVEHIAAVPGMTLRAAQSVKEFL
QAREAQLPRAGG
;
_entity_poly.pdbx_strand_id   A
#
# COMPACT_ATOMS: atom_id res chain seq x y z
N ASP A 2 5.53 25.71 8.97
CA ASP A 2 4.29 25.22 9.51
C ASP A 2 3.88 23.99 8.75
N HIS A 3 3.65 22.93 9.50
CA HIS A 3 3.33 21.63 8.97
C HIS A 3 2.10 21.09 9.64
N PRO A 4 0.95 21.54 9.19
CA PRO A 4 -0.30 21.06 9.75
C PRO A 4 -0.45 19.53 9.72
N GLY A 5 -0.14 18.93 8.58
CA GLY A 5 -0.32 17.49 8.35
C GLY A 5 0.54 16.66 9.27
N LEU A 6 1.83 16.99 9.32
CA LEU A 6 2.77 16.28 10.17
C LEU A 6 2.38 16.39 11.63
N ASP A 7 2.05 17.61 12.09
CA ASP A 7 1.62 17.83 13.50
C ASP A 7 0.36 17.04 13.82
N ALA A 8 -0.59 16.98 12.88
CA ALA A 8 -1.83 16.23 13.08
C ALA A 8 -1.51 14.74 13.14
N LEU A 9 -0.57 14.31 12.28
CA LEU A 9 -0.21 12.90 12.32
C LEU A 9 0.33 12.46 13.67
N LYS A 10 1.17 13.30 14.23
CA LYS A 10 1.79 13.01 15.49
C LYS A 10 0.72 12.81 16.59
N ASP A 11 -0.28 13.67 16.59
CA ASP A 11 -1.35 13.58 17.60
C ASP A 11 -2.29 12.40 17.30
N VAL A 12 -2.70 12.29 16.05
CA VAL A 12 -3.71 11.32 15.67
C VAL A 12 -3.20 9.85 15.75
N LEU A 13 -1.91 9.61 15.43
CA LEU A 13 -1.33 8.24 15.46
C LEU A 13 -0.52 7.95 16.71
N ALA A 14 -0.50 8.93 17.62
CA ALA A 14 0.23 8.89 18.91
C ALA A 14 1.69 8.59 18.62
N LEU A 15 2.35 9.47 17.85
CA LEU A 15 3.77 9.25 17.57
C LEU A 15 4.60 9.98 18.64
N PRO A 16 5.89 9.60 18.82
CA PRO A 16 6.66 10.34 19.86
C PRO A 16 7.10 11.76 19.47
N GLU A 17 7.12 12.05 18.18
CA GLU A 17 7.53 13.37 17.69
C GLU A 17 6.94 13.54 16.32
N ARG A 18 6.98 14.76 15.80
CA ARG A 18 6.63 15.03 14.42
C ARG A 18 7.29 14.02 13.45
N PRO A 19 6.50 13.38 12.53
CA PRO A 19 7.08 12.39 11.63
C PRO A 19 7.75 13.05 10.41
N TRP A 20 8.96 13.52 10.59
CA TRP A 20 9.64 14.27 9.52
C TRP A 20 9.94 13.40 8.28
N ARG A 21 10.31 12.15 8.50
CA ARG A 21 10.54 11.24 7.38
C ARG A 21 9.41 10.21 7.29
N ILE A 22 8.66 10.24 6.19
CA ILE A 22 7.67 9.24 5.90
C ILE A 22 8.09 8.42 4.67
N GLU A 23 8.00 7.10 4.79
CA GLU A 23 8.25 6.17 3.67
C GLU A 23 6.96 5.45 3.32
N GLY A 24 6.59 5.52 2.04
CA GLY A 24 5.40 4.81 1.56
C GLY A 24 5.72 3.54 0.74
N TYR A 25 4.96 2.46 0.95
CA TYR A 25 5.25 1.24 0.23
C TYR A 25 4.00 0.66 -0.46
N ASP A 26 4.15 0.06 -1.66
CA ASP A 26 3.05 -0.71 -2.33
C ASP A 26 3.64 -1.93 -2.95
N ASN A 27 2.85 -2.69 -3.71
CA ASN A 27 3.32 -3.92 -4.28
C ASN A 27 2.37 -4.24 -5.41
N SER A 28 2.90 -4.62 -6.55
CA SER A 28 2.03 -5.03 -7.66
C SER A 28 2.59 -6.21 -8.45
N ASN A 29 1.69 -6.86 -9.19
CA ASN A 29 2.10 -7.84 -10.14
C ASN A 29 1.02 -7.77 -11.21
N LEU A 30 1.27 -6.95 -12.22
CA LEU A 30 0.30 -6.63 -13.27
C LEU A 30 0.78 -7.08 -14.63
N PHE A 31 2.09 -7.26 -14.77
CA PHE A 31 2.64 -7.64 -16.06
C PHE A 31 3.56 -8.83 -15.97
N GLY A 32 3.12 -9.92 -16.57
CA GLY A 32 3.89 -11.20 -16.55
C GLY A 32 4.19 -11.64 -15.15
N THR A 33 5.47 -11.96 -14.90
CA THR A 33 5.90 -12.45 -13.60
C THR A 33 6.62 -11.38 -12.81
N ASN A 34 6.53 -10.15 -13.28
CA ASN A 34 7.21 -9.02 -12.62
C ASN A 34 6.50 -8.57 -11.34
N ILE A 35 7.05 -8.92 -10.17
CA ILE A 35 6.42 -8.55 -8.90
C ILE A 35 7.31 -7.47 -8.32
N VAL A 36 6.75 -6.27 -8.19
CA VAL A 36 7.55 -5.09 -7.97
C VAL A 36 6.97 -4.35 -6.75
N SER A 37 7.83 -3.85 -5.89
CA SER A 37 7.42 -3.08 -4.78
C SER A 37 8.03 -1.71 -4.90
N GLY A 38 7.22 -0.69 -4.69
CA GLY A 38 7.68 0.70 -4.66
C GLY A 38 7.88 1.25 -3.25
N MET A 39 8.95 2.02 -3.09
CA MET A 39 9.26 2.75 -1.87
C MET A 39 9.37 4.24 -2.19
N VAL A 40 8.51 5.08 -1.63
CA VAL A 40 8.65 6.53 -1.86
C VAL A 40 9.05 7.22 -0.53
N VAL A 41 9.86 8.26 -0.67
CA VAL A 41 10.38 8.99 0.49
C VAL A 41 9.83 10.41 0.57
N PHE A 42 9.34 10.74 1.75
CA PHE A 42 8.89 12.13 2.07
C PHE A 42 9.74 12.67 3.24
N GLU A 43 10.24 13.91 3.10
CA GLU A 43 10.97 14.58 4.17
C GLU A 43 10.30 15.91 4.32
N GLY A 44 9.87 16.22 5.53
CA GLY A 44 9.23 17.52 5.83
C GLY A 44 7.95 17.73 5.06
N GLY A 45 7.26 16.63 4.79
CA GLY A 45 6.01 16.56 4.05
C GLY A 45 6.09 16.78 2.57
N ARG A 46 7.28 16.63 1.98
CA ARG A 46 7.53 16.88 0.58
C ARG A 46 8.25 15.67 0.02
N SER A 47 7.77 15.17 -1.11
CA SER A 47 8.42 14.01 -1.73
C SER A 47 9.86 14.27 -2.13
N ARG A 48 10.71 13.25 -1.97
CA ARG A 48 12.08 13.36 -2.44
C ARG A 48 12.30 12.29 -3.48
N ARG A 49 11.98 12.63 -4.72
CA ARG A 49 11.91 11.60 -5.78
C ARG A 49 13.25 10.92 -6.02
N GLY A 50 14.34 11.65 -5.82
CA GLY A 50 15.70 11.06 -5.93
C GLY A 50 15.99 9.90 -4.96
N GLU A 51 15.19 9.84 -3.91
CA GLU A 51 15.28 8.79 -2.90
C GLU A 51 14.25 7.67 -3.05
N HIS A 52 13.31 7.76 -4.00
CA HIS A 52 12.40 6.64 -4.23
C HIS A 52 13.19 5.39 -4.70
N ARG A 53 12.67 4.21 -4.40
CA ARG A 53 13.33 2.94 -4.80
C ARG A 53 12.32 1.91 -5.31
N ARG A 54 12.80 1.06 -6.24
CA ARG A 54 11.99 -0.02 -6.73
C ARG A 54 12.58 -1.40 -6.41
N PHE A 55 11.85 -2.19 -5.62
CA PHE A 55 12.28 -3.55 -5.22
C PHE A 55 11.70 -4.59 -6.18
N LYS A 56 12.57 -5.36 -6.85
CA LYS A 56 12.10 -6.52 -7.60
C LYS A 56 12.01 -7.75 -6.70
N VAL A 57 10.80 -8.28 -6.57
CA VAL A 57 10.56 -9.37 -5.61
C VAL A 57 11.03 -10.66 -6.23
N ARG A 58 11.92 -11.40 -5.57
CA ARG A 58 12.40 -12.62 -6.19
C ARG A 58 12.36 -13.87 -5.35
N GLY A 59 12.28 -15.02 -5.99
CA GLY A 59 12.23 -16.22 -5.22
C GLY A 59 10.81 -16.76 -5.13
N LEU A 60 9.83 -15.96 -5.55
CA LEU A 60 8.43 -16.38 -5.61
C LEU A 60 8.12 -16.96 -6.97
N GLU A 61 7.57 -18.17 -6.93
CA GLU A 61 7.25 -18.88 -8.18
C GLU A 61 5.77 -18.77 -8.53
N HIS A 62 5.04 -18.04 -7.69
CA HIS A 62 3.59 -17.81 -7.78
C HIS A 62 3.40 -16.44 -7.12
N PRO A 63 2.48 -15.60 -7.63
CA PRO A 63 2.35 -14.31 -6.91
C PRO A 63 1.82 -14.54 -5.47
N ASP A 64 2.08 -13.59 -4.55
CA ASP A 64 1.63 -13.73 -3.15
C ASP A 64 1.86 -12.35 -2.56
N ASP A 65 0.77 -11.60 -2.41
CA ASP A 65 0.95 -10.18 -2.08
C ASP A 65 1.52 -10.03 -0.68
N TYR A 66 1.08 -10.92 0.25
CA TYR A 66 1.61 -10.83 1.57
C TYR A 66 3.10 -11.08 1.57
N GLU A 67 3.54 -12.15 0.89
CA GLU A 67 4.96 -12.48 0.95
C GLU A 67 5.74 -11.43 0.22
N SER A 68 5.15 -10.87 -0.83
CA SER A 68 5.82 -9.79 -1.59
C SER A 68 6.08 -8.57 -0.74
N MET A 69 5.09 -8.16 0.06
CA MET A 69 5.30 -7.02 0.91
C MET A 69 6.28 -7.39 2.03
N LYS A 70 6.18 -8.62 2.57
CA LYS A 70 7.05 -8.99 3.70
C LYS A 70 8.50 -8.98 3.25
N GLN A 71 8.79 -9.64 2.13
CA GLN A 71 10.18 -9.57 1.61
C GLN A 71 10.74 -8.13 1.38
N THR A 72 9.93 -7.26 0.83
CA THR A 72 10.33 -5.82 0.58
C THR A 72 10.70 -5.11 1.86
N ILE A 73 9.80 -5.20 2.85
CA ILE A 73 10.08 -4.57 4.13
C ILE A 73 11.31 -5.15 4.85
N TYR A 74 11.45 -6.47 4.80
CA TYR A 74 12.56 -7.14 5.43
C TYR A 74 13.84 -6.65 4.75
N ARG A 75 13.83 -6.67 3.43
CA ARG A 75 15.00 -6.12 2.67
C ARG A 75 15.38 -4.69 3.04
N ARG A 76 14.36 -3.87 3.25
CA ARG A 76 14.54 -2.47 3.50
C ARG A 76 15.24 -2.34 4.85
N PHE A 77 14.89 -3.15 5.85
CA PHE A 77 15.37 -2.97 7.23
C PHE A 77 16.47 -3.93 7.66
N THR A 78 17.19 -4.47 6.67
CA THR A 78 18.33 -5.39 6.89
C THR A 78 19.44 -5.03 5.92
N GLY A 79 20.59 -5.71 6.00
CA GLY A 79 21.75 -5.40 5.20
C GLY A 79 22.11 -3.92 5.00
N SER A 80 22.56 -3.63 3.78
CA SER A 80 23.03 -2.35 3.32
C SER A 80 22.07 -1.17 3.51
N LEU A 81 20.81 -1.33 3.14
CA LEU A 81 19.85 -0.25 3.26
C LEU A 81 19.65 0.16 4.69
N ALA A 82 19.60 -0.85 5.56
CA ALA A 82 19.40 -0.62 7.00
C ALA A 82 20.58 0.16 7.57
N ASP A 83 21.75 -0.08 6.99
CA ASP A 83 22.98 0.54 7.46
C ASP A 83 23.09 1.98 6.94
N LYS A 84 22.80 2.15 5.65
CA LYS A 84 22.90 3.39 4.88
C LYS A 84 21.76 4.41 5.14
N LEU A 85 20.51 3.93 5.12
CA LEU A 85 19.34 4.81 5.26
C LEU A 85 18.90 5.12 6.70
N PRO A 86 18.48 6.35 6.92
CA PRO A 86 17.83 6.70 8.16
C PRO A 86 16.48 5.98 8.25
N LEU A 87 16.15 5.51 9.44
CA LEU A 87 14.81 4.96 9.72
C LEU A 87 13.78 6.04 9.48
N PRO A 88 12.67 5.69 8.79
CA PRO A 88 11.59 6.62 8.79
C PRO A 88 10.99 6.77 10.17
N ASP A 89 10.37 7.89 10.34
CA ASP A 89 9.54 8.13 11.50
C ASP A 89 8.20 7.43 11.38
N LEU A 90 7.80 7.17 10.14
CA LEU A 90 6.43 6.57 9.95
C LEU A 90 6.48 5.89 8.61
N MET A 91 5.95 4.65 8.54
CA MET A 91 5.83 3.97 7.28
C MET A 91 4.34 3.86 6.94
N LEU A 92 4.01 4.20 5.70
CA LEU A 92 2.65 4.15 5.14
C LEU A 92 2.54 2.97 4.25
N ILE A 93 1.54 2.06 4.47
CA ILE A 93 1.48 0.87 3.65
C ILE A 93 0.25 1.08 2.76
N ASP A 94 0.40 0.99 1.44
CA ASP A 94 -0.74 1.11 0.49
C ASP A 94 -1.38 -0.28 0.47
N GLY A 95 -2.29 -0.51 1.40
CA GLY A 95 -2.76 -1.87 1.61
C GLY A 95 -3.57 -1.95 2.88
N GLY A 96 -4.56 -2.83 2.83
CA GLY A 96 -5.32 -3.22 4.00
C GLY A 96 -4.57 -4.01 5.08
N ARG A 97 -5.37 -4.60 5.94
CA ARG A 97 -4.85 -5.30 7.14
C ARG A 97 -3.81 -6.37 6.76
N GLY A 98 -4.05 -7.08 5.66
CA GLY A 98 -3.12 -8.18 5.25
C GLY A 98 -1.72 -7.61 4.96
N GLN A 99 -1.67 -6.44 4.29
CA GLN A 99 -0.43 -5.80 3.89
C GLN A 99 0.23 -5.15 5.11
N VAL A 100 -0.59 -4.58 6.01
CA VAL A 100 -0.04 -4.09 7.28
C VAL A 100 0.61 -5.25 8.05
N ASN A 101 -0.15 -6.36 8.23
CA ASN A 101 0.42 -7.56 8.91
C ASN A 101 1.76 -7.97 8.27
N ALA A 102 1.83 -7.92 6.93
CA ALA A 102 3.09 -8.31 6.23
C ALA A 102 4.30 -7.43 6.65
N ALA A 103 4.04 -6.12 6.72
CA ALA A 103 5.04 -5.16 7.14
C ALA A 103 5.51 -5.44 8.58
N LEU A 104 4.55 -5.63 9.49
CA LEU A 104 4.83 -5.85 10.91
C LEU A 104 5.64 -7.15 11.07
N ASP A 105 5.24 -8.14 10.31
CA ASP A 105 5.96 -9.45 10.31
C ASP A 105 7.44 -9.33 9.92
N ALA A 106 7.69 -8.54 8.88
CA ALA A 106 9.05 -8.29 8.42
C ALA A 106 9.79 -7.49 9.50
N LEU A 107 9.15 -6.44 10.03
CA LEU A 107 9.83 -5.57 11.04
C LEU A 107 10.26 -6.43 12.25
N LYS A 108 9.34 -7.27 12.74
CA LYS A 108 9.61 -8.18 13.87
C LYS A 108 10.82 -9.08 13.52
N GLU A 109 10.84 -9.57 12.30
CA GLU A 109 11.92 -10.51 11.87
C GLU A 109 13.25 -9.76 11.73
N ALA A 110 13.18 -8.50 11.31
CA ALA A 110 14.34 -7.66 11.21
C ALA A 110 14.82 -7.18 12.57
N GLY A 111 13.95 -7.27 13.59
CA GLY A 111 14.24 -6.76 14.93
C GLY A 111 14.15 -5.24 15.03
N VAL A 112 13.25 -4.64 14.28
CA VAL A 112 13.25 -3.18 14.23
C VAL A 112 11.87 -2.66 14.64
N GLN A 113 11.82 -1.50 15.28
CA GLN A 113 10.54 -0.91 15.70
C GLN A 113 10.34 0.41 14.95
N VAL A 114 9.43 0.43 13.96
CA VAL A 114 9.11 1.62 13.20
C VAL A 114 7.58 1.66 13.15
N PRO A 115 6.98 2.85 13.38
CA PRO A 115 5.56 3.01 13.45
C PRO A 115 4.98 2.75 12.04
N VAL A 116 3.80 2.22 12.01
CA VAL A 116 3.22 1.82 10.69
C VAL A 116 1.76 2.20 10.67
N VAL A 117 1.27 2.61 9.49
CA VAL A 117 -0.16 2.79 9.32
C VAL A 117 -0.43 2.37 7.87
N GLY A 118 -1.63 1.88 7.64
CA GLY A 118 -2.10 1.40 6.39
C GLY A 118 -3.19 2.30 5.84
N LEU A 119 -3.30 2.33 4.50
CA LEU A 119 -4.53 2.87 3.88
C LEU A 119 -5.22 1.79 3.10
N ALA A 120 -6.50 1.58 3.40
CA ALA A 120 -7.26 0.53 2.77
C ALA A 120 -7.42 0.86 1.29
N LYS A 121 -7.22 -0.14 0.47
CA LYS A 121 -7.15 0.01 -0.97
C LYS A 121 -8.46 0.56 -1.44
N ARG A 122 -8.39 1.64 -2.25
CA ARG A 122 -9.60 2.19 -2.89
C ARG A 122 -10.58 2.79 -1.87
N GLU A 123 -10.05 3.19 -0.70
CA GLU A 123 -10.82 3.71 0.39
C GLU A 123 -9.92 4.75 1.03
N GLU A 124 -10.49 5.47 1.99
CA GLU A 124 -9.69 6.44 2.73
C GLU A 124 -9.56 6.04 4.20
N ARG A 125 -9.96 4.82 4.52
CA ARG A 125 -9.91 4.29 5.88
C ARG A 125 -8.43 4.08 6.30
N LEU A 126 -8.00 4.66 7.40
CA LEU A 126 -6.68 4.27 7.94
C LEU A 126 -6.75 2.97 8.74
N ILE A 127 -5.78 2.08 8.49
CA ILE A 127 -5.70 0.79 9.15
C ILE A 127 -4.55 0.86 10.22
N LEU A 128 -4.88 0.80 11.50
CA LEU A 128 -3.82 0.95 12.58
C LEU A 128 -3.26 -0.41 12.92
N PRO A 129 -1.97 -0.53 13.27
CA PRO A 129 -1.34 -1.85 13.46
C PRO A 129 -1.55 -2.47 14.84
N GLY A 130 -2.16 -1.74 15.77
CA GLY A 130 -2.55 -2.25 17.11
C GLY A 130 -3.58 -1.29 17.66
N ARG A 131 -3.80 -1.35 18.98
CA ARG A 131 -4.83 -0.54 19.61
C ARG A 131 -4.36 0.82 20.07
N TYR A 132 -3.03 1.03 20.11
CA TYR A 132 -2.49 2.21 20.71
C TYR A 132 -1.80 3.11 19.69
N GLY A 133 -2.35 3.15 18.47
CA GLY A 133 -1.77 4.03 17.44
C GLY A 133 -0.73 3.33 16.61
N ALA A 134 0.06 4.13 15.91
CA ALA A 134 1.03 3.56 14.95
C ALA A 134 2.20 2.76 15.55
N GLN A 135 2.53 3.04 16.82
CA GLN A 135 3.51 2.26 17.54
C GLN A 135 2.95 0.90 17.96
N TRP A 136 3.15 -0.11 17.11
CA TRP A 136 2.42 -1.38 17.23
C TRP A 136 2.97 -2.24 18.33
N TRP A 137 4.13 -1.86 18.89
CA TRP A 137 4.75 -2.69 19.96
C TRP A 137 4.26 -2.33 21.38
N LEU A 138 3.55 -1.20 21.52
CA LEU A 138 2.97 -0.83 22.81
C LEU A 138 2.05 -1.87 23.37
N GLU A 139 2.29 -2.19 24.63
CA GLU A 139 1.53 -3.21 25.35
C GLU A 139 0.26 -2.64 25.98
N THR A 140 0.29 -1.36 26.28
CA THR A 140 -0.80 -0.66 26.93
C THR A 140 -0.74 0.81 26.55
N GLY A 141 -1.81 1.51 26.90
CA GLY A 141 -1.87 2.94 26.65
C GLY A 141 -3.30 3.34 26.43
N THR A 142 -3.47 4.54 25.90
CA THR A 142 -4.80 5.05 25.57
C THR A 142 -5.15 4.57 24.15
N GLU A 143 -6.33 3.97 24.00
CA GLU A 143 -6.79 3.49 22.72
C GLU A 143 -6.82 4.59 21.65
N VAL A 144 -6.31 4.25 20.48
CA VAL A 144 -6.39 5.15 19.31
C VAL A 144 -7.29 4.48 18.28
N GLY A 145 -8.26 5.23 17.79
CA GLY A 145 -9.17 4.71 16.75
C GLY A 145 -10.30 3.86 17.24
N VAL A 146 -11.08 3.33 16.31
CA VAL A 146 -12.15 2.41 16.68
C VAL A 146 -11.87 1.08 15.97
N ASP A 147 -11.70 0.00 16.75
CA ASP A 147 -11.41 -1.34 16.23
C ASP A 147 -10.20 -1.28 15.27
N ARG A 148 -9.18 -0.55 15.72
CA ARG A 148 -7.91 -0.39 15.03
C ARG A 148 -8.07 0.19 13.64
N GLU A 149 -8.99 1.12 13.48
CA GLU A 149 -9.12 1.87 12.20
C GLU A 149 -9.44 3.31 12.55
N LEU A 150 -9.12 4.23 11.66
CA LEU A 150 -9.47 5.63 11.84
C LEU A 150 -10.09 6.09 10.54
N LEU A 151 -11.22 6.78 10.67
CA LEU A 151 -11.88 7.35 9.53
C LEU A 151 -11.85 8.85 9.78
N LEU A 152 -11.28 9.57 8.85
CA LEU A 152 -11.12 11.02 9.00
C LEU A 152 -11.84 11.71 7.87
N PRO A 153 -12.28 12.98 8.06
CA PRO A 153 -12.83 13.65 6.88
C PRO A 153 -11.83 13.75 5.75
N HIS A 154 -12.31 13.63 4.53
CA HIS A 154 -11.43 13.70 3.35
C HIS A 154 -10.37 14.80 3.39
N THR A 155 -10.69 16.02 3.89
CA THR A 155 -9.80 17.17 3.80
C THR A 155 -8.99 17.35 5.08
N HIS A 156 -9.11 16.41 5.98
CA HIS A 156 -8.31 16.49 7.18
C HIS A 156 -6.79 16.52 6.83
N PRO A 157 -6.04 17.48 7.44
CA PRO A 157 -4.61 17.53 7.02
C PRO A 157 -3.78 16.25 7.19
N ALA A 158 -3.96 15.48 8.27
CA ALA A 158 -3.28 14.15 8.49
C ALA A 158 -3.67 13.19 7.38
N LEU A 159 -4.96 13.10 7.09
CA LEU A 159 -5.36 12.28 5.97
C LEU A 159 -4.80 12.73 4.61
N ARG A 160 -4.85 14.05 4.29
CA ARG A 160 -4.42 14.49 2.96
C ARG A 160 -2.95 14.21 2.81
N MET A 161 -2.21 14.34 3.90
CA MET A 161 -0.79 14.03 3.80
C MET A 161 -0.52 12.54 3.43
N LEU A 162 -1.22 11.62 4.06
CA LEU A 162 -1.00 10.22 3.84
C LEU A 162 -1.56 9.86 2.47
N ILE A 163 -2.65 10.54 2.10
CA ILE A 163 -3.19 10.25 0.77
C ILE A 163 -2.19 10.75 -0.32
N GLY A 164 -1.48 11.86 -0.10
CA GLY A 164 -0.39 12.30 -1.00
C GLY A 164 0.76 11.32 -1.14
N VAL A 165 1.10 10.65 -0.04
CA VAL A 165 2.15 9.58 -0.06
C VAL A 165 1.65 8.38 -0.87
N ARG A 166 0.41 7.93 -0.60
CA ARG A 166 -0.22 6.93 -1.48
C ARG A 166 -0.20 7.36 -2.96
N ASP A 167 -0.63 8.59 -3.24
CA ASP A 167 -0.68 9.05 -4.66
C ASP A 167 0.70 8.94 -5.28
N GLU A 168 1.75 9.26 -4.50
CA GLU A 168 3.10 9.25 -5.02
C GLU A 168 3.54 7.82 -5.28
N VAL A 169 3.20 6.89 -4.40
CA VAL A 169 3.69 5.52 -4.65
C VAL A 169 2.85 4.88 -5.77
N HIS A 170 1.58 5.19 -5.82
CA HIS A 170 0.76 4.63 -6.90
C HIS A 170 1.22 5.15 -8.25
N ASN A 171 1.33 6.47 -8.38
CA ASN A 171 1.96 7.02 -9.55
C ASN A 171 3.35 6.43 -9.94
N TYR A 172 4.22 6.16 -8.97
CA TYR A 172 5.50 5.54 -9.29
C TYR A 172 5.28 4.15 -9.95
N ALA A 173 4.31 3.39 -9.44
CA ALA A 173 3.87 2.06 -9.99
C ALA A 173 3.34 2.22 -11.41
N VAL A 174 2.45 3.19 -11.56
CA VAL A 174 1.83 3.45 -12.87
C VAL A 174 2.90 3.77 -13.92
N SER A 175 3.85 4.63 -13.57
CA SER A 175 5.04 4.92 -14.42
C SER A 175 5.79 3.67 -14.88
N TYR A 176 6.08 2.78 -13.94
CA TYR A 176 6.83 1.58 -14.24
C TYR A 176 6.05 0.65 -15.19
N HIS A 177 4.78 0.44 -14.89
CA HIS A 177 3.95 -0.45 -15.73
C HIS A 177 3.75 0.19 -17.11
N ARG A 178 3.65 1.51 -17.17
CA ARG A 178 3.54 2.20 -18.47
C ARG A 178 4.75 1.79 -19.31
N LYS A 179 5.95 1.89 -18.74
CA LYS A 179 7.19 1.50 -19.45
C LYS A 179 7.09 0.04 -19.89
N LEU A 180 6.77 -0.86 -18.96
CA LEU A 180 6.75 -2.31 -19.30
C LEU A 180 5.83 -2.52 -20.50
N ARG A 181 4.68 -1.85 -20.52
CA ARG A 181 3.70 -2.06 -21.63
C ARG A 181 4.26 -1.43 -22.91
N MET A 185 5.30 -4.92 -24.98
CA MET A 185 4.92 -6.11 -25.73
C MET A 185 4.63 -7.34 -24.82
N LEU A 186 4.03 -7.10 -23.65
CA LEU A 186 3.57 -8.14 -22.73
C LEU A 186 2.13 -7.87 -22.33
N ARG A 187 1.29 -8.90 -22.26
CA ARG A 187 -0.09 -8.71 -21.84
C ARG A 187 -0.15 -8.49 -20.33
N SER A 188 -1.17 -7.78 -19.87
CA SER A 188 -1.37 -7.56 -18.46
C SER A 188 -1.99 -8.78 -17.85
N VAL A 189 -1.90 -8.92 -16.53
CA VAL A 189 -2.53 -10.06 -15.90
C VAL A 189 -4.06 -10.00 -16.03
N PHE A 190 -4.60 -8.86 -16.45
CA PHE A 190 -6.07 -8.75 -16.53
C PHE A 190 -6.57 -9.12 -17.93
N ASP A 191 -5.67 -9.38 -18.86
CA ASP A 191 -6.05 -9.64 -20.25
C ASP A 191 -6.75 -10.98 -20.45
N ASP A 192 -6.84 -11.79 -19.38
CA ASP A 192 -7.53 -13.08 -19.40
C ASP A 192 -8.95 -13.02 -18.81
N LEU A 193 -9.43 -11.82 -18.48
CA LEU A 193 -10.75 -11.72 -17.86
C LEU A 193 -11.84 -11.88 -18.93
N PRO A 194 -12.81 -12.78 -18.70
CA PRO A 194 -13.94 -12.97 -19.62
C PRO A 194 -15.15 -12.05 -19.31
N GLY A 195 -16.00 -11.81 -20.32
CA GLY A 195 -17.31 -11.16 -20.09
C GLY A 195 -17.33 -9.64 -20.00
N ILE A 196 -16.18 -9.01 -20.21
CA ILE A 196 -16.09 -7.58 -19.96
C ILE A 196 -15.58 -6.74 -21.10
N GLY A 197 -14.76 -7.35 -21.95
CA GLY A 197 -14.12 -6.62 -23.05
C GLY A 197 -12.88 -5.85 -22.64
N GLN A 198 -12.20 -5.27 -23.62
CA GLN A 198 -10.82 -4.77 -23.51
C GLN A 198 -10.67 -3.35 -22.96
N LYS A 199 -11.76 -2.59 -22.96
CA LYS A 199 -11.78 -1.24 -22.40
C LYS A 199 -11.86 -1.34 -20.87
N ARG A 200 -12.69 -2.27 -20.42
CA ARG A 200 -12.85 -2.53 -18.98
C ARG A 200 -11.67 -3.29 -18.42
N ARG A 201 -11.09 -4.20 -19.20
CA ARG A 201 -9.89 -4.92 -18.77
C ARG A 201 -8.81 -3.90 -18.42
N ASP A 202 -8.60 -2.96 -19.32
CA ASP A 202 -7.58 -1.94 -19.14
C ASP A 202 -7.87 -0.89 -18.07
N ALA A 203 -9.14 -0.66 -17.78
CA ALA A 203 -9.54 0.26 -16.71
C ALA A 203 -9.23 -0.31 -15.32
N LEU A 204 -9.23 -1.65 -15.19
CA LEU A 204 -8.89 -2.30 -13.93
C LEU A 204 -7.42 -2.11 -13.52
N LEU A 205 -6.53 -1.96 -14.51
CA LEU A 205 -5.08 -1.80 -14.27
C LEU A 205 -4.75 -0.58 -13.43
N GLU A 206 -5.60 0.46 -13.53
CA GLU A 206 -5.39 1.65 -12.71
C GLU A 206 -5.82 1.49 -11.25
N HIS A 207 -6.74 0.58 -10.97
CA HIS A 207 -7.37 0.51 -9.65
C HIS A 207 -7.00 -0.70 -8.83
N PHE A 208 -6.44 -1.72 -9.47
CA PHE A 208 -6.06 -2.96 -8.77
C PHE A 208 -4.58 -3.29 -8.98
N THR A 209 -3.98 -3.97 -8.00
CA THR A 209 -2.54 -4.16 -8.01
C THR A 209 -2.07 -5.55 -8.49
N SER A 210 -3.00 -6.52 -8.59
CA SER A 210 -2.66 -7.93 -8.92
C SER A 210 -3.94 -8.72 -9.06
N LEU A 211 -3.88 -9.92 -9.62
CA LEU A 211 -5.08 -10.77 -9.66
C LEU A 211 -5.62 -11.04 -8.23
N GLU A 212 -4.71 -11.28 -7.27
CA GLU A 212 -5.10 -11.51 -5.90
C GLU A 212 -5.89 -10.32 -5.32
N ASP A 213 -5.40 -9.11 -5.51
CA ASP A 213 -6.03 -7.88 -4.99
C ASP A 213 -7.47 -7.79 -5.61
N LEU A 214 -7.55 -7.88 -6.96
CA LEU A 214 -8.85 -7.89 -7.66
C LEU A 214 -9.80 -8.95 -7.08
N ALA A 215 -9.32 -10.18 -6.93
CA ALA A 215 -10.15 -11.29 -6.49
C ALA A 215 -10.69 -11.09 -5.08
N ALA A 216 -9.91 -10.48 -4.18
CA ALA A 216 -10.35 -10.28 -2.80
C ALA A 216 -11.26 -9.01 -2.60
N ALA A 217 -11.37 -8.16 -3.62
CA ALA A 217 -11.98 -6.83 -3.45
C ALA A 217 -13.51 -6.93 -3.39
N PRO A 218 -14.18 -6.05 -2.61
CA PRO A 218 -15.67 -6.15 -2.60
C PRO A 218 -16.19 -5.92 -4.00
N VAL A 219 -17.22 -6.65 -4.42
CA VAL A 219 -17.74 -6.43 -5.76
C VAL A 219 -18.08 -4.95 -6.01
N GLU A 220 -18.53 -4.25 -4.95
CA GLU A 220 -18.82 -2.81 -4.99
C GLU A 220 -17.61 -1.94 -5.42
N HIS A 221 -16.39 -2.32 -5.02
CA HIS A 221 -15.20 -1.59 -5.45
C HIS A 221 -14.93 -1.80 -6.93
N ILE A 222 -15.12 -3.04 -7.37
CA ILE A 222 -14.95 -3.38 -8.79
C ILE A 222 -15.96 -2.59 -9.63
N ALA A 223 -17.23 -2.56 -9.18
CA ALA A 223 -18.31 -1.83 -9.93
C ALA A 223 -18.14 -0.32 -9.96
N ALA A 224 -17.49 0.22 -8.92
CA ALA A 224 -17.20 1.65 -8.85
C ALA A 224 -16.13 2.13 -9.82
N VAL A 225 -15.41 1.22 -10.47
CA VAL A 225 -14.40 1.64 -11.46
C VAL A 225 -15.11 2.32 -12.63
N PRO A 226 -14.64 3.52 -13.04
CA PRO A 226 -15.27 4.11 -14.22
C PRO A 226 -15.27 3.11 -15.38
N GLY A 227 -16.36 3.04 -16.14
CA GLY A 227 -16.50 2.06 -17.23
C GLY A 227 -17.09 0.73 -16.81
N MET A 228 -17.07 0.44 -15.52
CA MET A 228 -17.64 -0.79 -15.03
C MET A 228 -19.13 -0.63 -14.70
N THR A 229 -19.78 -1.78 -14.52
CA THR A 229 -21.18 -1.89 -14.16
C THR A 229 -21.18 -2.96 -13.08
N LEU A 230 -22.23 -3.03 -12.24
CA LEU A 230 -22.36 -4.09 -11.24
C LEU A 230 -22.25 -5.46 -11.90
N ARG A 231 -22.61 -5.47 -13.17
CA ARG A 231 -22.66 -6.64 -13.97
C ARG A 231 -21.33 -7.23 -14.37
N ALA A 232 -20.50 -6.39 -15.00
CA ALA A 232 -19.15 -6.74 -15.38
C ALA A 232 -18.34 -7.06 -14.09
N ALA A 233 -18.69 -6.42 -12.96
CA ALA A 233 -17.97 -6.65 -11.70
C ALA A 233 -18.27 -8.01 -11.13
N GLN A 234 -19.54 -8.41 -11.19
CA GLN A 234 -19.98 -9.77 -10.79
C GLN A 234 -19.26 -10.80 -11.67
N SER A 235 -19.02 -10.45 -12.92
CA SER A 235 -18.42 -11.35 -13.91
C SER A 235 -16.92 -11.62 -13.63
N VAL A 236 -16.19 -10.57 -13.25
CA VAL A 236 -14.81 -10.67 -12.82
C VAL A 236 -14.72 -11.50 -11.52
N LYS A 237 -15.54 -11.13 -10.54
CA LYS A 237 -15.53 -11.76 -9.23
C LYS A 237 -15.68 -13.25 -9.38
N GLU A 238 -16.68 -13.64 -10.19
CA GLU A 238 -17.04 -15.04 -10.44
C GLU A 238 -15.97 -15.83 -11.18
N PHE A 239 -15.34 -15.21 -12.19
CA PHE A 239 -14.27 -15.86 -12.96
C PHE A 239 -13.03 -16.15 -12.10
N LEU A 240 -12.55 -15.14 -11.37
CA LEU A 240 -11.34 -15.29 -10.55
C LEU A 240 -11.53 -16.28 -9.42
N GLN A 241 -12.70 -16.23 -8.78
CA GLN A 241 -12.97 -17.15 -7.70
C GLN A 241 -13.53 -18.50 -8.17
N ALA A 242 -13.64 -18.67 -9.50
CA ALA A 242 -13.78 -19.99 -10.12
C ALA A 242 -12.42 -20.68 -10.23
N ARG A 243 -11.34 -19.87 -10.25
CA ARG A 243 -9.96 -20.36 -10.37
C ARG A 243 -9.12 -20.08 -9.10
#